data_8JAO
#
_entry.id   8JAO
#
_cell.length_a   48.758
_cell.length_b   52.231
_cell.length_c   200.973
_cell.angle_alpha   90.00
_cell.angle_beta   90.00
_cell.angle_gamma   90.00
#
_symmetry.space_group_name_H-M   'P 21 21 21'
#
loop_
_entity.id
_entity.type
_entity.pdbx_description
1 polymer Beta-lactamase
2 non-polymer 'ZINC ION'
3 non-polymer '2-azanyl-5-(2-phenylethyl)-1,3-thiazole-4-carboxylic acid'
4 water water
#
_entity_poly.entity_id   1
_entity_poly.type   'polypeptide(L)'
_entity_poly.pdbx_seq_one_letter_code
;SLPDLKIEKLDEGVYVHTSFEEVNGWGVVPKHGLVVLVNAEAYLIDTPFTAKDTEKLVTWFVERGYKIKGSISSHFHSDS
TGGIEWLNSRSIPTYASELTNELLKKDGKVQATNSFSGVNYWLVKNKIEVFYPGPGHTPDNVVVWLPERKILFGGCFIKP
YGLGNLGDANIEAWPKSAKLLKSKYGKAKLVVPSHSEVGDASLLKLTLEQAVKGLNESK
;
_entity_poly.pdbx_strand_id   A,B
#
# COMPACT_ATOMS: atom_id res chain seq x y z
N SER A 1 15.02 9.77 -7.48
CA SER A 1 14.03 10.06 -6.44
C SER A 1 13.39 8.75 -5.94
N LEU A 2 12.75 8.01 -6.84
CA LEU A 2 12.12 6.74 -6.52
C LEU A 2 13.15 5.64 -6.24
N PRO A 3 12.77 4.60 -5.50
CA PRO A 3 13.59 3.40 -5.44
C PRO A 3 13.72 2.75 -6.82
N ASP A 4 14.78 1.98 -6.98
CA ASP A 4 15.11 1.35 -8.25
C ASP A 4 14.33 0.06 -8.46
N LEU A 5 14.23 -0.32 -9.73
CA LEU A 5 13.73 -1.63 -10.07
C LEU A 5 14.40 -2.68 -9.19
N LYS A 6 13.59 -3.58 -8.65
CA LYS A 6 14.07 -4.64 -7.79
C LYS A 6 13.72 -5.97 -8.46
N ILE A 7 14.65 -6.92 -8.38
CA ILE A 7 14.41 -8.28 -8.84
C ILE A 7 14.83 -9.22 -7.73
N GLU A 8 13.93 -10.11 -7.33
CA GLU A 8 14.10 -10.95 -6.15
C GLU A 8 13.52 -12.32 -6.42
N LYS A 9 14.28 -13.38 -6.11
CA LYS A 9 13.76 -14.72 -6.26
C LYS A 9 12.59 -14.94 -5.31
N LEU A 10 11.47 -15.44 -5.85
CA LEU A 10 10.31 -15.82 -5.05
C LEU A 10 10.29 -17.31 -4.74
N ASP A 11 10.60 -18.13 -5.73
CA ASP A 11 10.53 -19.57 -5.64
C ASP A 11 11.43 -20.07 -6.76
N GLU A 12 11.52 -21.39 -6.89
CA GLU A 12 12.38 -21.95 -7.93
C GLU A 12 11.87 -21.54 -9.30
N GLY A 13 12.70 -20.85 -10.06
CA GLY A 13 12.33 -20.43 -11.39
C GLY A 13 11.27 -19.36 -11.42
N VAL A 14 11.04 -18.66 -10.30
CA VAL A 14 10.04 -17.59 -10.22
C VAL A 14 10.64 -16.40 -9.50
N TYR A 15 10.70 -15.27 -10.21
CA TYR A 15 11.21 -14.01 -9.69
C TYR A 15 10.09 -12.97 -9.70
N VAL A 16 10.13 -12.10 -8.69
CA VAL A 16 9.26 -10.93 -8.61
C VAL A 16 10.07 -9.72 -9.06
N HIS A 17 9.55 -8.99 -10.04
CA HIS A 17 10.09 -7.68 -10.35
C HIS A 17 9.17 -6.61 -9.77
N THR A 18 9.78 -5.65 -9.11
CA THR A 18 9.09 -4.52 -8.49
C THR A 18 9.64 -3.22 -9.05
N SER A 19 8.78 -2.43 -9.67
CA SER A 19 9.11 -1.09 -10.09
C SER A 19 8.20 -0.10 -9.35
N PHE A 20 8.54 1.19 -9.44
CA PHE A 20 7.94 2.20 -8.57
C PHE A 20 7.56 3.45 -9.32
N GLU A 21 6.44 4.03 -8.93
CA GLU A 21 6.05 5.33 -9.43
C GLU A 21 5.49 6.11 -8.26
N GLU A 22 5.63 7.43 -8.33
CA GLU A 22 5.02 8.35 -7.39
C GLU A 22 3.74 8.86 -8.01
N VAL A 23 2.61 8.53 -7.41
CA VAL A 23 1.31 8.91 -7.93
C VAL A 23 0.74 9.98 -7.01
N ASN A 24 0.33 11.09 -7.60
CA ASN A 24 -0.36 12.13 -6.86
C ASN A 24 -1.49 11.52 -6.07
N GLY A 25 -1.51 11.79 -4.77
CA GLY A 25 -2.60 11.36 -3.91
C GLY A 25 -2.39 10.02 -3.22
N TRP A 26 -1.55 9.13 -3.77
CA TRP A 26 -1.31 7.83 -3.14
C TRP A 26 0.09 7.69 -2.57
N GLY A 27 1.03 8.52 -2.98
CA GLY A 27 2.39 8.37 -2.53
C GLY A 27 3.21 7.46 -3.44
N VAL A 28 4.17 6.74 -2.88
CA VAL A 28 4.99 5.84 -3.68
C VAL A 28 4.24 4.52 -3.82
N VAL A 29 4.02 4.11 -5.06
CA VAL A 29 3.29 2.89 -5.34
C VAL A 29 4.27 1.86 -5.89
N PRO A 30 4.46 0.72 -5.22
CA PRO A 30 5.19 -0.39 -5.82
C PRO A 30 4.28 -1.10 -6.80
N LYS A 31 4.88 -1.67 -7.84
CA LYS A 31 4.19 -2.54 -8.80
C LYS A 31 4.98 -3.84 -8.95
N HIS A 32 4.32 -4.96 -8.66
CA HIS A 32 4.93 -6.29 -8.78
C HIS A 32 4.49 -6.95 -10.08
N GLY A 33 5.46 -7.54 -10.77
CA GLY A 33 5.21 -8.53 -11.80
C GLY A 33 6.15 -9.71 -11.58
N LEU A 34 6.02 -10.72 -12.47
CA LEU A 34 6.85 -11.90 -12.33
C LEU A 34 7.75 -12.08 -13.54
N VAL A 35 8.83 -12.81 -13.33
CA VAL A 35 9.54 -13.48 -14.40
C VAL A 35 9.56 -14.95 -14.06
N VAL A 36 9.18 -15.76 -15.04
CA VAL A 36 9.01 -17.21 -14.90
C VAL A 36 9.98 -17.90 -15.86
N LEU A 37 10.87 -18.72 -15.28
CA LEU A 37 11.87 -19.44 -16.08
C LEU A 37 11.34 -20.81 -16.45
N VAL A 38 11.30 -21.12 -17.73
CA VAL A 38 11.01 -22.47 -18.19
C VAL A 38 12.23 -22.93 -18.98
N ASN A 39 12.96 -23.89 -18.43
CA ASN A 39 14.23 -24.37 -18.98
C ASN A 39 15.17 -23.17 -19.08
N ALA A 40 15.63 -22.77 -20.27
CA ALA A 40 16.52 -21.65 -20.45
C ALA A 40 15.81 -20.44 -21.05
N GLU A 41 14.51 -20.35 -20.86
CA GLU A 41 13.69 -19.27 -21.40
C GLU A 41 12.97 -18.53 -20.29
N ALA A 42 12.78 -17.23 -20.47
CA ALA A 42 12.12 -16.41 -19.45
C ALA A 42 10.86 -15.80 -20.03
N TYR A 43 9.83 -15.74 -19.21
CA TYR A 43 8.56 -15.12 -19.58
C TYR A 43 8.23 -14.00 -18.59
N LEU A 44 7.88 -12.83 -19.10
CA LEU A 44 7.50 -11.74 -18.22
C LEU A 44 5.99 -11.77 -17.96
N ILE A 45 5.63 -11.68 -16.69
CA ILE A 45 4.24 -11.59 -16.25
C ILE A 45 4.07 -10.16 -15.77
N ASP A 46 3.47 -9.38 -16.66
CA ASP A 46 3.40 -7.94 -16.60
C ASP A 46 4.74 -7.26 -16.83
N THR A 47 4.72 -6.09 -17.46
CA THR A 47 5.86 -5.24 -17.67
C THR A 47 5.93 -4.17 -16.60
N PRO A 48 7.12 -3.66 -16.31
CA PRO A 48 7.21 -2.43 -15.51
C PRO A 48 6.55 -1.28 -16.25
N PHE A 49 6.49 -0.15 -15.52
CA PHE A 49 5.80 1.04 -16.02
C PHE A 49 6.45 1.54 -17.29
N THR A 50 7.77 1.47 -17.38
CA THR A 50 8.51 2.20 -18.42
C THR A 50 9.32 1.28 -19.30
N ALA A 51 9.67 1.83 -20.46
CA ALA A 51 10.60 1.13 -21.34
C ALA A 51 11.95 0.97 -20.67
N LYS A 52 12.42 2.00 -19.98
CA LYS A 52 13.71 1.94 -19.31
C LYS A 52 13.75 0.79 -18.30
N ASP A 53 12.71 0.68 -17.47
CA ASP A 53 12.73 -0.41 -16.50
C ASP A 53 12.52 -1.76 -17.16
N THR A 54 11.81 -1.81 -18.28
CA THR A 54 11.65 -3.07 -18.97
C THR A 54 12.97 -3.53 -19.56
N GLU A 55 13.74 -2.58 -20.11
CA GLU A 55 15.05 -2.92 -20.66
C GLU A 55 15.96 -3.44 -19.57
N LYS A 56 16.02 -2.75 -18.43
CA LYS A 56 16.77 -3.27 -17.30
C LYS A 56 16.35 -4.68 -16.94
N LEU A 57 15.02 -4.94 -16.91
CA LEU A 57 14.54 -6.23 -16.45
C LEU A 57 14.96 -7.32 -17.41
N VAL A 58 14.72 -7.12 -18.70
CA VAL A 58 15.12 -8.08 -19.72
C VAL A 58 16.61 -8.35 -19.66
N THR A 59 17.42 -7.29 -19.57
CA THR A 59 18.86 -7.53 -19.68
C THR A 59 19.39 -8.24 -18.43
N TRP A 60 18.77 -8.02 -17.28
CA TRP A 60 19.16 -8.79 -16.10
C TRP A 60 19.17 -10.29 -16.36
N PHE A 61 18.17 -10.78 -17.10
CA PHE A 61 18.00 -12.21 -17.36
C PHE A 61 18.82 -12.65 -18.59
N VAL A 62 18.83 -11.83 -19.63
CA VAL A 62 19.68 -12.12 -20.78
C VAL A 62 21.11 -12.35 -20.32
N GLU A 63 21.66 -11.40 -19.55
CA GLU A 63 23.01 -11.50 -18.98
C GLU A 63 23.23 -12.74 -18.16
N ARG A 64 22.16 -13.42 -17.75
CA ARG A 64 22.24 -14.66 -17.01
C ARG A 64 21.96 -15.86 -17.89
N GLY A 65 21.84 -15.67 -19.19
CA GLY A 65 21.70 -16.78 -20.10
C GLY A 65 20.30 -17.06 -20.60
N TYR A 66 19.28 -16.41 -20.05
CA TYR A 66 17.93 -16.71 -20.46
C TYR A 66 17.58 -15.91 -21.70
N LYS A 67 16.92 -16.56 -22.63
CA LYS A 67 16.23 -15.87 -23.72
C LYS A 67 14.83 -15.45 -23.26
N ILE A 68 14.44 -14.24 -23.61
CA ILE A 68 13.10 -13.75 -23.31
C ILE A 68 12.18 -14.19 -24.43
N LYS A 69 11.29 -15.14 -24.12
CA LYS A 69 10.39 -15.72 -25.11
C LYS A 69 9.05 -15.00 -25.20
N GLY A 70 8.63 -14.28 -24.17
CA GLY A 70 7.47 -13.43 -24.31
C GLY A 70 7.07 -12.78 -23.00
N SER A 71 6.04 -11.95 -23.10
CA SER A 71 5.47 -11.26 -21.96
C SER A 71 3.98 -11.32 -22.06
N ILE A 72 3.32 -11.39 -20.93
CA ILE A 72 1.87 -11.32 -20.89
C ILE A 72 1.48 -10.18 -19.97
N SER A 73 0.58 -9.33 -20.44
CA SER A 73 0.06 -8.24 -19.63
C SER A 73 -1.30 -8.63 -19.08
N SER A 74 -1.45 -8.50 -17.76
CA SER A 74 -2.63 -8.92 -17.00
C SER A 74 -3.83 -8.00 -17.17
N HIS A 75 -3.62 -6.75 -17.60
CA HIS A 75 -4.68 -5.78 -17.94
C HIS A 75 -4.04 -4.57 -18.63
N PHE A 76 -4.89 -3.61 -19.03
CA PHE A 76 -4.47 -2.60 -20.01
C PHE A 76 -3.76 -1.41 -19.40
N HIS A 77 -3.85 -1.20 -18.10
CA HIS A 77 -3.20 -0.05 -17.48
C HIS A 77 -1.70 -0.11 -17.67
N SER A 78 -1.08 1.07 -17.61
CA SER A 78 0.34 1.16 -17.91
C SER A 78 1.21 0.42 -16.90
N ASP A 79 0.71 0.11 -15.69
CA ASP A 79 1.58 -0.64 -14.78
C ASP A 79 1.68 -2.09 -15.19
N SER A 80 0.85 -2.54 -16.13
CA SER A 80 0.97 -3.86 -16.70
C SER A 80 1.49 -3.87 -18.12
N THR A 81 1.37 -2.75 -18.85
CA THR A 81 1.64 -2.70 -20.28
C THR A 81 2.72 -1.72 -20.69
N GLY A 82 3.23 -0.91 -19.77
CA GLY A 82 4.16 0.16 -20.11
C GLY A 82 5.36 -0.27 -20.93
N GLY A 83 5.66 -1.57 -20.93
CA GLY A 83 6.88 -2.08 -21.53
C GLY A 83 6.65 -2.72 -22.86
N ILE A 84 5.38 -2.86 -23.26
CA ILE A 84 5.06 -3.54 -24.50
C ILE A 84 5.77 -2.89 -25.69
N GLU A 85 5.65 -1.59 -25.80
CA GLU A 85 6.28 -0.87 -26.92
C GLU A 85 7.76 -1.23 -27.05
N TRP A 86 8.51 -1.14 -25.96
CA TRP A 86 9.90 -1.57 -26.04
C TRP A 86 10.05 -3.06 -26.40
N LEU A 87 9.27 -3.95 -25.78
CA LEU A 87 9.43 -5.36 -26.12
C LEU A 87 9.14 -5.61 -27.61
N ASN A 88 8.06 -5.06 -28.13
CA ASN A 88 7.81 -5.20 -29.56
C ASN A 88 9.04 -4.78 -30.34
N SER A 89 9.65 -3.69 -29.93
CA SER A 89 10.76 -3.10 -30.66
C SER A 89 11.98 -4.00 -30.61
N ARG A 90 11.99 -4.97 -29.72
CA ARG A 90 13.06 -5.95 -29.64
C ARG A 90 12.64 -7.29 -30.23
N SER A 91 11.49 -7.33 -30.89
CA SER A 91 10.96 -8.58 -31.42
C SER A 91 10.78 -9.65 -30.33
N ILE A 92 10.53 -9.22 -29.09
CA ILE A 92 10.07 -10.11 -28.04
C ILE A 92 8.55 -10.19 -28.13
N PRO A 93 7.97 -11.37 -28.33
CA PRO A 93 6.51 -11.48 -28.44
C PRO A 93 5.80 -11.00 -27.19
N THR A 94 4.79 -10.17 -27.40
CA THR A 94 3.95 -9.68 -26.33
C THR A 94 2.55 -10.27 -26.46
N TYR A 95 1.95 -10.63 -25.32
CA TYR A 95 0.62 -11.20 -25.29
C TYR A 95 -0.31 -10.34 -24.44
N ALA A 96 -1.54 -10.18 -24.89
CA ALA A 96 -2.61 -9.68 -24.05
C ALA A 96 -3.92 -10.27 -24.55
N SER A 97 -4.91 -10.30 -23.69
CA SER A 97 -6.23 -10.73 -24.13
C SER A 97 -6.73 -9.80 -25.25
N GLU A 98 -7.66 -10.31 -26.06
CA GLU A 98 -8.30 -9.48 -27.07
C GLU A 98 -8.93 -8.25 -26.44
N LEU A 99 -9.56 -8.45 -25.29
CA LEU A 99 -10.22 -7.35 -24.62
C LEU A 99 -9.21 -6.29 -24.16
N THR A 100 -8.07 -6.72 -23.64
CA THR A 100 -7.02 -5.77 -23.24
C THR A 100 -6.47 -4.99 -24.45
N ASN A 101 -6.25 -5.67 -25.57
CA ASN A 101 -5.74 -4.94 -26.72
C ASN A 101 -6.76 -3.93 -27.22
N GLU A 102 -8.04 -4.28 -27.18
CA GLU A 102 -9.05 -3.31 -27.62
C GLU A 102 -9.06 -2.12 -26.71
N LEU A 103 -8.88 -2.35 -25.40
CA LEU A 103 -8.78 -1.22 -24.47
C LEU A 103 -7.52 -0.41 -24.71
N LEU A 104 -6.40 -1.06 -25.01
CA LEU A 104 -5.21 -0.28 -25.36
C LEU A 104 -5.48 0.57 -26.60
N LYS A 105 -5.98 -0.05 -27.67
CA LYS A 105 -6.32 0.69 -28.89
C LYS A 105 -7.15 1.91 -28.57
N LYS A 106 -8.22 1.71 -27.82
CA LYS A 106 -9.15 2.79 -27.51
C LYS A 106 -8.49 3.85 -26.62
N ASP A 107 -7.57 3.44 -25.76
CA ASP A 107 -6.77 4.39 -24.97
C ASP A 107 -5.68 5.06 -25.77
N GLY A 108 -5.60 4.82 -27.07
CA GLY A 108 -4.49 5.34 -27.87
C GLY A 108 -3.13 4.77 -27.54
N LYS A 109 -3.06 3.50 -27.13
CA LYS A 109 -1.79 2.86 -26.81
C LYS A 109 -1.43 1.76 -27.79
N VAL A 110 -0.13 1.51 -27.87
CA VAL A 110 0.35 0.41 -28.68
C VAL A 110 -0.09 -0.90 -28.04
N GLN A 111 -0.49 -1.84 -28.89
CA GLN A 111 -1.06 -3.11 -28.44
C GLN A 111 -0.01 -4.21 -28.42
N ALA A 112 -0.33 -5.28 -27.69
CA ALA A 112 0.48 -6.48 -27.79
C ALA A 112 0.34 -7.08 -29.19
N THR A 113 1.39 -7.79 -29.62
CA THR A 113 1.39 -8.40 -30.95
C THR A 113 0.60 -9.70 -31.01
N ASN A 114 0.40 -10.36 -29.89
CA ASN A 114 -0.39 -11.59 -29.84
C ASN A 114 -1.55 -11.38 -28.89
N SER A 115 -2.74 -11.83 -29.30
CA SER A 115 -3.90 -11.81 -28.43
C SER A 115 -4.50 -13.20 -28.28
N PHE A 116 -5.23 -13.37 -27.19
CA PHE A 116 -5.90 -14.60 -26.86
C PHE A 116 -7.26 -14.18 -26.34
N SER A 117 -8.19 -15.14 -26.25
CA SER A 117 -9.51 -14.89 -25.73
C SER A 117 -9.95 -16.12 -24.94
N GLY A 118 -10.92 -15.94 -24.08
CA GLY A 118 -11.54 -17.05 -23.38
C GLY A 118 -11.14 -17.08 -21.91
N VAL A 119 -11.78 -18.02 -21.22
CA VAL A 119 -11.70 -18.10 -19.77
C VAL A 119 -10.34 -18.65 -19.35
N ASN A 120 -9.85 -19.68 -20.03
CA ASN A 120 -8.55 -20.25 -19.75
C ASN A 120 -7.72 -20.15 -21.02
N TYR A 121 -6.43 -19.81 -20.86
CA TYR A 121 -5.49 -19.76 -21.97
C TYR A 121 -4.14 -20.24 -21.46
N TRP A 122 -3.52 -21.19 -22.15
CA TRP A 122 -2.15 -21.61 -21.84
C TRP A 122 -1.18 -20.70 -22.59
N LEU A 123 -0.44 -19.88 -21.85
CA LEU A 123 0.74 -19.26 -22.45
C LEU A 123 1.83 -20.29 -22.69
N VAL A 124 2.03 -21.20 -21.74
CA VAL A 124 2.91 -22.35 -21.91
C VAL A 124 2.17 -23.55 -21.31
N LYS A 125 1.91 -24.55 -22.14
CA LYS A 125 1.02 -25.62 -21.74
C LYS A 125 1.54 -26.30 -20.48
N ASN A 126 0.67 -26.40 -19.49
CA ASN A 126 0.89 -26.97 -18.17
C ASN A 126 1.89 -26.22 -17.32
N LYS A 127 2.27 -25.01 -17.71
CA LYS A 127 3.21 -24.30 -16.86
C LYS A 127 2.82 -22.86 -16.56
N ILE A 128 2.15 -22.17 -17.49
CA ILE A 128 1.78 -20.78 -17.32
C ILE A 128 0.37 -20.64 -17.87
N GLU A 129 -0.60 -20.50 -16.98
CA GLU A 129 -1.98 -20.38 -17.37
C GLU A 129 -2.51 -18.99 -17.08
N VAL A 130 -3.44 -18.55 -17.92
CA VAL A 130 -4.11 -17.26 -17.78
C VAL A 130 -5.59 -17.54 -17.55
N PHE A 131 -6.19 -16.86 -16.57
CA PHE A 131 -7.58 -17.09 -16.22
C PHE A 131 -8.31 -15.76 -16.09
N TYR A 132 -9.49 -15.69 -16.69
CA TYR A 132 -10.33 -14.50 -16.62
C TYR A 132 -11.40 -14.74 -15.57
N PRO A 133 -11.37 -14.03 -14.44
CA PRO A 133 -12.38 -14.27 -13.41
C PRO A 133 -13.64 -13.46 -13.59
N GLY A 134 -13.63 -12.52 -14.51
CA GLY A 134 -14.66 -11.53 -14.61
C GLY A 134 -14.10 -10.15 -14.36
N PRO A 135 -14.88 -9.14 -14.63
CA PRO A 135 -14.43 -7.78 -14.36
C PRO A 135 -14.34 -7.50 -12.87
N GLY A 136 -13.43 -6.58 -12.57
CA GLY A 136 -13.29 -6.03 -11.23
C GLY A 136 -12.52 -4.73 -11.26
N HIS A 137 -11.21 -4.81 -11.00
CA HIS A 137 -10.36 -3.63 -11.07
C HIS A 137 -10.52 -2.94 -12.43
N THR A 138 -10.59 -3.73 -13.50
CA THR A 138 -10.85 -3.27 -14.85
C THR A 138 -11.70 -4.32 -15.52
N PRO A 139 -12.32 -4.00 -16.65
CA PRO A 139 -13.10 -5.03 -17.35
C PRO A 139 -12.25 -6.19 -17.85
N ASP A 140 -11.01 -5.95 -18.20
CA ASP A 140 -10.16 -6.99 -18.76
C ASP A 140 -9.27 -7.80 -17.86
N ASN A 141 -9.16 -7.44 -16.60
CA ASN A 141 -8.25 -8.11 -15.73
C ASN A 141 -8.18 -9.62 -15.78
N VAL A 142 -7.00 -10.14 -16.03
CA VAL A 142 -6.77 -11.58 -15.93
C VAL A 142 -5.74 -11.85 -14.84
N VAL A 143 -5.64 -13.12 -14.47
CA VAL A 143 -4.68 -13.56 -13.49
C VAL A 143 -3.84 -14.63 -14.17
N VAL A 144 -2.68 -14.95 -13.59
CA VAL A 144 -1.77 -15.92 -14.16
C VAL A 144 -1.45 -16.98 -13.12
N TRP A 145 -1.60 -18.26 -13.49
CA TRP A 145 -1.44 -19.39 -12.59
C TRP A 145 -0.21 -20.20 -13.00
N LEU A 146 0.64 -20.54 -12.02
CA LEU A 146 1.83 -21.36 -12.24
C LEU A 146 1.65 -22.70 -11.53
N PRO A 147 1.25 -23.77 -12.22
CA PRO A 147 0.84 -24.99 -11.50
C PRO A 147 1.94 -25.64 -10.68
N GLU A 148 3.18 -25.68 -11.16
CA GLU A 148 4.22 -26.41 -10.42
C GLU A 148 4.38 -25.88 -9.00
N ARG A 149 4.61 -24.57 -8.83
CA ARG A 149 4.80 -24.04 -7.48
C ARG A 149 3.51 -23.53 -6.85
N LYS A 150 2.39 -23.63 -7.54
CA LYS A 150 1.12 -23.12 -7.05
C LYS A 150 1.24 -21.64 -6.68
N ILE A 151 1.61 -20.83 -7.67
CA ILE A 151 1.75 -19.39 -7.51
C ILE A 151 0.69 -18.71 -8.38
N LEU A 152 -0.12 -17.84 -7.76
CA LEU A 152 -1.11 -17.05 -8.48
C LEU A 152 -0.65 -15.60 -8.56
N PHE A 153 -0.51 -15.09 -9.78
CA PHE A 153 -0.29 -13.66 -9.97
C PHE A 153 -1.65 -13.02 -10.22
N GLY A 154 -2.04 -12.11 -9.33
CA GLY A 154 -3.38 -11.58 -9.35
C GLY A 154 -3.48 -10.19 -9.92
N GLY A 155 -2.33 -9.55 -10.12
CA GLY A 155 -2.29 -8.25 -10.79
C GLY A 155 -3.04 -7.25 -9.95
N CYS A 156 -3.66 -6.27 -10.60
CA CYS A 156 -4.31 -5.24 -9.81
C CYS A 156 -5.69 -5.65 -9.34
N PHE A 157 -6.08 -6.89 -9.61
CA PHE A 157 -7.36 -7.43 -9.15
C PHE A 157 -7.29 -7.86 -7.70
N ILE A 158 -6.14 -8.35 -7.26
CA ILE A 158 -5.98 -8.76 -5.86
C ILE A 158 -5.69 -7.50 -5.07
N LYS A 159 -6.59 -7.14 -4.18
CA LYS A 159 -6.58 -5.85 -3.49
C LYS A 159 -7.01 -6.10 -2.06
N PRO A 160 -6.12 -6.64 -1.24
CA PRO A 160 -6.58 -7.23 0.02
C PRO A 160 -6.94 -6.21 1.10
N TYR A 161 -6.54 -4.94 0.97
CA TYR A 161 -6.68 -3.94 2.01
C TYR A 161 -7.32 -2.65 1.51
N GLY A 162 -7.78 -2.61 0.24
CA GLY A 162 -8.46 -1.47 -0.30
C GLY A 162 -8.34 -1.61 -1.80
N LEU A 163 -9.29 -1.07 -2.55
CA LEU A 163 -9.47 -1.44 -3.94
C LEU A 163 -8.60 -0.64 -4.88
N GLY A 164 -8.08 0.47 -4.38
CA GLY A 164 -7.25 1.32 -5.20
C GLY A 164 -8.04 2.20 -6.16
N ASN A 165 -7.44 2.48 -7.31
CA ASN A 165 -8.05 3.35 -8.29
C ASN A 165 -9.25 2.67 -8.93
N LEU A 166 -10.42 3.28 -8.76
CA LEU A 166 -11.69 2.74 -9.23
C LEU A 166 -12.09 3.35 -10.56
N GLY A 167 -11.21 4.15 -11.15
CA GLY A 167 -11.56 4.88 -12.35
C GLY A 167 -12.14 4.00 -13.42
N ASP A 168 -11.54 2.82 -13.63
CA ASP A 168 -11.94 1.89 -14.66
C ASP A 168 -12.57 0.63 -14.09
N ALA A 169 -12.85 0.62 -12.80
CA ALA A 169 -13.41 -0.55 -12.15
C ALA A 169 -14.92 -0.67 -12.37
N ASN A 170 -15.37 -1.92 -12.19
CA ASN A 170 -16.73 -2.41 -12.22
C ASN A 170 -17.03 -3.00 -10.85
N ILE A 171 -17.47 -2.15 -9.92
CA ILE A 171 -17.59 -2.64 -8.55
C ILE A 171 -18.84 -3.52 -8.40
N GLU A 172 -19.76 -3.48 -9.35
CA GLU A 172 -20.91 -4.38 -9.27
C GLU A 172 -20.47 -5.81 -9.50
N ALA A 173 -19.56 -6.04 -10.47
CA ALA A 173 -19.12 -7.40 -10.78
C ALA A 173 -18.01 -7.94 -9.87
N TRP A 174 -17.30 -7.05 -9.18
CA TRP A 174 -16.05 -7.46 -8.56
C TRP A 174 -16.24 -8.53 -7.52
N PRO A 175 -17.29 -8.50 -6.67
CA PRO A 175 -17.48 -9.60 -5.70
C PRO A 175 -17.75 -10.95 -6.34
N LYS A 176 -18.51 -11.00 -7.42
CA LYS A 176 -18.71 -12.27 -8.13
C LYS A 176 -17.39 -12.77 -8.74
N SER A 177 -16.67 -11.89 -9.46
CA SER A 177 -15.34 -12.25 -9.95
C SER A 177 -14.41 -12.73 -8.83
N ALA A 178 -14.38 -12.01 -7.69
CA ALA A 178 -13.47 -12.42 -6.61
C ALA A 178 -13.90 -13.74 -5.98
N LYS A 179 -15.21 -13.95 -5.82
CA LYS A 179 -15.68 -15.23 -5.28
C LYS A 179 -15.28 -16.36 -6.22
N LEU A 180 -15.45 -16.14 -7.51
CA LEU A 180 -15.00 -17.12 -8.48
C LEU A 180 -13.50 -17.40 -8.35
N LEU A 181 -12.68 -16.34 -8.29
CA LEU A 181 -11.24 -16.53 -8.14
C LEU A 181 -10.92 -17.32 -6.86
N LYS A 182 -11.60 -17.01 -5.76
CA LYS A 182 -11.29 -17.69 -4.50
C LYS A 182 -11.58 -19.18 -4.59
N SER A 183 -12.69 -19.55 -5.23
CA SER A 183 -13.01 -20.98 -5.28
C SER A 183 -12.00 -21.70 -6.16
N LYS A 184 -11.71 -21.13 -7.33
CA LYS A 184 -10.78 -21.80 -8.24
C LYS A 184 -9.36 -21.90 -7.67
N TYR A 185 -8.88 -20.90 -6.91
CA TYR A 185 -7.46 -20.84 -6.59
C TYR A 185 -7.15 -20.92 -5.11
N GLY A 186 -8.08 -21.44 -4.29
CA GLY A 186 -7.84 -21.57 -2.87
C GLY A 186 -6.67 -22.45 -2.52
N LYS A 187 -6.20 -23.30 -3.42
CA LYS A 187 -5.05 -24.14 -3.11
C LYS A 187 -3.73 -23.44 -3.42
N ALA A 188 -3.76 -22.22 -3.95
CA ALA A 188 -2.54 -21.46 -4.16
C ALA A 188 -1.69 -21.44 -2.89
N LYS A 189 -0.41 -21.71 -3.06
CA LYS A 189 0.55 -21.52 -1.97
C LYS A 189 0.92 -20.04 -1.81
N LEU A 190 1.12 -19.34 -2.93
CA LEU A 190 1.48 -17.91 -2.97
C LEU A 190 0.56 -17.16 -3.94
N VAL A 191 0.13 -15.99 -3.50
CA VAL A 191 -0.66 -15.04 -4.27
C VAL A 191 0.10 -13.72 -4.34
N VAL A 192 0.33 -13.23 -5.56
CA VAL A 192 1.17 -12.05 -5.77
C VAL A 192 0.29 -10.93 -6.26
N PRO A 193 -0.02 -9.94 -5.42
CA PRO A 193 -0.78 -8.78 -5.89
C PRO A 193 0.14 -7.81 -6.61
N SER A 194 -0.48 -6.94 -7.41
CA SER A 194 0.25 -5.88 -8.07
C SER A 194 0.95 -4.95 -7.08
N HIS A 195 0.25 -4.55 -6.00
CA HIS A 195 0.65 -3.38 -5.23
C HIS A 195 0.75 -3.65 -3.74
N SER A 196 0.74 -4.90 -3.33
CA SER A 196 0.91 -5.21 -1.93
C SER A 196 1.77 -6.46 -1.87
N GLU A 197 2.27 -6.78 -0.69
CA GLU A 197 3.22 -7.88 -0.54
C GLU A 197 2.59 -9.23 -0.86
N VAL A 198 3.45 -10.16 -1.27
CA VAL A 198 3.06 -11.55 -1.49
C VAL A 198 2.46 -12.11 -0.21
N GLY A 199 1.36 -12.83 -0.35
CA GLY A 199 0.76 -13.52 0.77
C GLY A 199 0.36 -14.89 0.35
N ASP A 200 -0.52 -15.52 1.11
CA ASP A 200 -1.01 -16.83 0.78
C ASP A 200 -2.45 -16.69 0.29
N ALA A 201 -3.14 -17.83 0.20
CA ALA A 201 -4.46 -17.86 -0.39
C ALA A 201 -5.45 -16.97 0.34
N SER A 202 -5.20 -16.63 1.61
CA SER A 202 -6.09 -15.71 2.30
C SER A 202 -6.23 -14.37 1.60
N LEU A 203 -5.23 -13.95 0.78
CA LEU A 203 -5.43 -12.72 0.02
C LEU A 203 -6.62 -12.80 -0.90
N LEU A 204 -7.03 -14.01 -1.30
CA LEU A 204 -8.24 -14.10 -2.12
C LEU A 204 -9.48 -13.78 -1.29
N LYS A 205 -9.52 -14.28 -0.06
CA LYS A 205 -10.65 -13.94 0.81
C LYS A 205 -10.67 -12.43 1.08
N LEU A 206 -9.53 -11.86 1.50
CA LEU A 206 -9.46 -10.40 1.76
C LEU A 206 -9.91 -9.61 0.55
N THR A 207 -9.55 -10.04 -0.66
CA THR A 207 -10.00 -9.30 -1.83
C THR A 207 -11.51 -9.36 -1.99
N LEU A 208 -12.11 -10.52 -1.75
CA LEU A 208 -13.56 -10.65 -1.82
C LEU A 208 -14.21 -9.72 -0.80
N GLU A 209 -13.69 -9.71 0.42
CA GLU A 209 -14.22 -8.78 1.41
C GLU A 209 -14.09 -7.32 0.96
N GLN A 210 -12.95 -6.94 0.38
CA GLN A 210 -12.84 -5.55 -0.04
C GLN A 210 -13.80 -5.23 -1.17
N ALA A 211 -14.08 -6.22 -2.03
CA ALA A 211 -14.98 -6.01 -3.14
C ALA A 211 -16.41 -5.83 -2.65
N VAL A 212 -16.86 -6.72 -1.78
CA VAL A 212 -18.21 -6.58 -1.22
C VAL A 212 -18.36 -5.24 -0.51
N LYS A 213 -17.41 -4.94 0.38
CA LYS A 213 -17.44 -3.67 1.09
C LYS A 213 -17.50 -2.49 0.14
N GLY A 214 -16.69 -2.51 -0.92
CA GLY A 214 -16.74 -1.44 -1.90
C GLY A 214 -18.07 -1.35 -2.64
N LEU A 215 -18.70 -2.50 -2.90
CA LEU A 215 -20.04 -2.46 -3.48
C LEU A 215 -21.03 -1.85 -2.49
N ASN A 216 -20.99 -2.30 -1.23
CA ASN A 216 -21.90 -1.74 -0.23
C ASN A 216 -21.68 -0.24 -0.02
N GLU A 217 -20.41 0.19 0.11
CA GLU A 217 -20.14 1.62 0.27
C GLU A 217 -20.73 2.45 -0.87
N SER A 218 -20.72 1.95 -2.08
CA SER A 218 -21.21 2.81 -3.15
C SER A 218 -22.73 3.00 -3.10
N LYS A 219 -23.42 2.63 -2.03
CA LYS A 219 -24.86 2.88 -1.86
C LYS A 219 -25.15 3.51 -0.48
N SER B 1 -6.36 23.37 -5.44
CA SER B 1 -5.36 22.60 -6.20
C SER B 1 -5.18 21.19 -5.64
N LEU B 2 -5.28 21.05 -4.32
CA LEU B 2 -5.01 19.77 -3.67
C LEU B 2 -6.28 18.94 -3.53
N PRO B 3 -6.15 17.62 -3.49
CA PRO B 3 -7.32 16.77 -3.25
C PRO B 3 -7.97 17.09 -1.92
N ASP B 4 -9.24 16.77 -1.83
CA ASP B 4 -9.99 17.05 -0.62
C ASP B 4 -9.70 15.98 0.44
N LEU B 5 -9.74 16.40 1.70
CA LEU B 5 -9.78 15.44 2.79
C LEU B 5 -10.68 14.26 2.46
N LYS B 6 -10.13 13.04 2.60
CA LYS B 6 -10.88 11.79 2.45
C LYS B 6 -11.03 11.10 3.79
N ILE B 7 -12.20 10.51 4.00
CA ILE B 7 -12.54 9.71 5.18
C ILE B 7 -13.10 8.40 4.66
N GLU B 8 -12.51 7.28 5.09
CA GLU B 8 -12.91 5.97 4.57
C GLU B 8 -12.86 4.94 5.68
N LYS B 9 -13.94 4.17 5.81
CA LYS B 9 -13.98 3.12 6.80
C LYS B 9 -12.92 2.08 6.49
N LEU B 10 -12.17 1.70 7.50
CA LEU B 10 -11.19 0.64 7.40
C LEU B 10 -11.68 -0.65 8.02
N ASP B 11 -12.43 -0.54 9.10
CA ASP B 11 -12.86 -1.69 9.87
C ASP B 11 -13.96 -1.18 10.79
N GLU B 12 -14.59 -2.09 11.52
CA GLU B 12 -15.66 -1.69 12.43
C GLU B 12 -15.10 -0.73 13.47
N GLY B 13 -15.69 0.45 13.52
CA GLY B 13 -15.23 1.49 14.42
C GLY B 13 -13.88 2.11 14.10
N VAL B 14 -13.37 1.96 12.87
CA VAL B 14 -12.05 2.50 12.54
C VAL B 14 -12.12 3.13 11.15
N TYR B 15 -11.76 4.41 11.07
CA TYR B 15 -11.71 5.15 9.83
C TYR B 15 -10.28 5.62 9.56
N VAL B 16 -9.93 5.74 8.27
CA VAL B 16 -8.69 6.37 7.86
C VAL B 16 -9.05 7.76 7.37
N HIS B 17 -8.35 8.78 7.86
CA HIS B 17 -8.50 10.08 7.25
C HIS B 17 -7.24 10.39 6.48
N THR B 18 -7.40 10.91 5.26
CA THR B 18 -6.28 11.27 4.40
C THR B 18 -6.40 12.74 4.04
N SER B 19 -5.36 13.49 4.36
CA SER B 19 -5.17 14.86 3.95
C SER B 19 -3.95 14.87 3.04
N PHE B 20 -3.72 16.00 2.39
CA PHE B 20 -2.74 16.08 1.32
C PHE B 20 -1.94 17.37 1.43
N GLU B 21 -0.71 17.31 0.99
CA GLU B 21 0.13 18.49 0.83
C GLU B 21 0.99 18.31 -0.42
N GLU B 22 1.44 19.42 -0.96
CA GLU B 22 2.44 19.43 -2.01
C GLU B 22 3.82 19.57 -1.41
N VAL B 23 4.65 18.58 -1.61
CA VAL B 23 6.05 18.62 -1.19
C VAL B 23 6.88 18.80 -2.44
N ASN B 24 7.97 19.55 -2.32
CA ASN B 24 8.79 19.88 -3.48
C ASN B 24 9.64 18.67 -3.84
N GLY B 25 9.45 18.16 -5.05
CA GLY B 25 10.12 16.97 -5.50
C GLY B 25 9.19 15.78 -5.69
N TRP B 26 8.39 15.50 -4.65
CA TRP B 26 7.58 14.30 -4.58
C TRP B 26 6.12 14.52 -4.95
N GLY B 27 5.74 15.71 -5.42
CA GLY B 27 4.35 15.97 -5.77
C GLY B 27 3.36 15.96 -4.59
N VAL B 28 2.14 15.51 -4.86
CA VAL B 28 1.06 15.49 -3.87
C VAL B 28 1.23 14.27 -2.97
N VAL B 29 1.56 14.48 -1.71
CA VAL B 29 1.79 13.38 -0.75
C VAL B 29 0.58 13.24 0.17
N PRO B 30 0.01 12.05 0.30
CA PRO B 30 -1.06 11.87 1.29
C PRO B 30 -0.48 11.66 2.68
N LYS B 31 -1.27 12.08 3.67
CA LYS B 31 -1.03 11.82 5.08
C LYS B 31 -2.25 11.11 5.66
N HIS B 32 -2.06 9.86 6.14
CA HIS B 32 -3.11 9.04 6.75
C HIS B 32 -3.12 9.13 8.28
N GLY B 33 -4.32 9.26 8.83
CA GLY B 33 -4.52 9.14 10.26
C GLY B 33 -5.76 8.29 10.48
N LEU B 34 -6.06 8.03 11.75
CA LEU B 34 -7.24 7.25 12.04
C LEU B 34 -8.24 8.11 12.80
N VAL B 35 -9.49 7.67 12.75
CA VAL B 35 -10.50 7.98 13.75
C VAL B 35 -10.99 6.65 14.28
N VAL B 36 -11.04 6.54 15.60
CA VAL B 36 -11.44 5.32 16.30
C VAL B 36 -12.68 5.62 17.12
N LEU B 37 -13.74 4.86 16.88
CA LEU B 37 -15.04 5.04 17.52
C LEU B 37 -15.13 4.13 18.73
N VAL B 38 -15.41 4.71 19.89
CA VAL B 38 -15.70 3.97 21.11
C VAL B 38 -17.08 4.40 21.56
N ASN B 39 -18.05 3.50 21.41
CA ASN B 39 -19.44 3.76 21.78
C ASN B 39 -19.91 4.94 20.95
N ALA B 40 -20.26 6.08 21.55
CA ALA B 40 -20.72 7.23 20.78
C ALA B 40 -19.63 8.30 20.66
N GLU B 41 -18.40 7.95 20.97
CA GLU B 41 -17.30 8.89 21.04
C GLU B 41 -16.25 8.58 20.00
N ALA B 42 -15.58 9.61 19.52
CA ALA B 42 -14.55 9.46 18.50
C ALA B 42 -13.21 9.97 19.01
N TYR B 43 -12.15 9.23 18.71
CA TYR B 43 -10.78 9.62 19.02
C TYR B 43 -10.03 9.79 17.70
N LEU B 44 -9.42 10.96 17.53
CA LEU B 44 -8.56 11.22 16.40
C LEU B 44 -7.16 10.67 16.67
N ILE B 45 -6.65 9.91 15.72
CA ILE B 45 -5.28 9.46 15.73
C ILE B 45 -4.58 10.26 14.64
N ASP B 46 -3.73 11.18 15.06
CA ASP B 46 -3.11 12.23 14.26
C ASP B 46 -4.18 13.19 13.75
N THR B 47 -3.80 14.52 13.64
CA THR B 47 -4.62 15.52 12.97
C THR B 47 -4.19 15.70 11.52
N PRO B 48 -5.06 16.15 10.66
CA PRO B 48 -4.60 16.66 9.37
C PRO B 48 -3.56 17.78 9.51
N PHE B 49 -2.96 18.17 8.38
CA PHE B 49 -2.00 19.28 8.35
C PHE B 49 -2.61 20.55 8.93
N THR B 50 -3.85 20.84 8.57
CA THR B 50 -4.40 22.18 8.73
C THR B 50 -5.53 22.20 9.73
N ALA B 51 -5.73 23.37 10.31
CA ALA B 51 -6.92 23.60 11.11
C ALA B 51 -8.19 23.34 10.29
N LYS B 52 -8.21 23.79 9.04
CA LYS B 52 -9.40 23.61 8.22
C LYS B 52 -9.74 22.13 8.03
N ASP B 53 -8.75 21.32 7.63
CA ASP B 53 -9.04 19.89 7.47
C ASP B 53 -9.40 19.26 8.80
N THR B 54 -8.83 19.76 9.90
CA THR B 54 -9.16 19.20 11.21
C THR B 54 -10.61 19.47 11.57
N GLU B 55 -11.10 20.68 11.26
CA GLU B 55 -12.50 21.00 11.50
C GLU B 55 -13.41 20.19 10.58
N LYS B 56 -13.05 20.07 9.31
CA LYS B 56 -13.83 19.20 8.43
C LYS B 56 -13.91 17.79 9.01
N LEU B 57 -12.81 17.29 9.57
CA LEU B 57 -12.78 15.93 10.09
C LEU B 57 -13.69 15.83 11.31
N VAL B 58 -13.59 16.78 12.23
CA VAL B 58 -14.42 16.75 13.43
C VAL B 58 -15.91 16.88 13.06
N THR B 59 -16.26 17.83 12.19
CA THR B 59 -17.70 17.97 11.91
C THR B 59 -18.25 16.76 11.15
N TRP B 60 -17.42 16.06 10.38
CA TRP B 60 -17.92 14.89 9.69
C TRP B 60 -18.38 13.84 10.68
N PHE B 61 -17.65 13.67 11.77
CA PHE B 61 -18.05 12.70 12.78
C PHE B 61 -19.12 13.26 13.72
N VAL B 62 -19.07 14.56 14.02
CA VAL B 62 -20.08 15.15 14.89
C VAL B 62 -21.45 15.06 14.23
N GLU B 63 -21.53 15.48 12.96
CA GLU B 63 -22.77 15.36 12.21
C GLU B 63 -23.35 13.97 12.31
N ARG B 64 -22.49 12.95 12.39
CA ARG B 64 -22.92 11.56 12.38
C ARG B 64 -23.18 11.01 13.77
N GLY B 65 -23.09 11.84 14.80
CA GLY B 65 -23.58 11.47 16.10
C GLY B 65 -22.52 11.16 17.11
N TYR B 66 -21.26 11.42 16.79
CA TYR B 66 -20.15 11.12 17.68
C TYR B 66 -19.60 12.40 18.30
N LYS B 67 -19.25 12.34 19.57
CA LYS B 67 -18.58 13.46 20.21
C LYS B 67 -17.08 13.18 20.27
N ILE B 68 -16.28 14.20 19.97
CA ILE B 68 -14.85 14.04 19.83
C ILE B 68 -14.25 14.06 21.23
N LYS B 69 -13.89 12.91 21.75
CA LYS B 69 -13.38 12.86 23.10
C LYS B 69 -11.90 13.12 23.18
N GLY B 70 -11.17 13.03 22.07
CA GLY B 70 -9.78 13.41 22.09
C GLY B 70 -9.09 13.20 20.77
N SER B 71 -7.86 13.69 20.71
CA SER B 71 -6.96 13.43 19.61
C SER B 71 -5.58 13.13 20.18
N ILE B 72 -4.86 12.22 19.55
CA ILE B 72 -3.49 11.91 19.95
C ILE B 72 -2.59 12.08 18.75
N SER B 73 -1.47 12.79 18.93
CA SER B 73 -0.51 12.97 17.85
C SER B 73 0.69 12.03 18.03
N SER B 74 1.09 11.36 16.94
CA SER B 74 2.10 10.30 16.97
C SER B 74 3.52 10.81 16.91
N HIS B 75 3.72 12.06 16.48
CA HIS B 75 5.01 12.73 16.63
C HIS B 75 4.77 14.22 16.44
N PHE B 76 5.84 15.03 16.48
CA PHE B 76 5.62 16.48 16.54
C PHE B 76 5.49 17.15 15.19
N HIS B 77 5.80 16.46 14.11
CA HIS B 77 5.71 17.06 12.78
C HIS B 77 4.28 17.49 12.51
N SER B 78 4.16 18.48 11.64
CA SER B 78 2.84 19.09 11.46
C SER B 78 1.87 18.15 10.76
N ASP B 79 2.34 17.13 10.02
CA ASP B 79 1.37 16.18 9.49
C ASP B 79 0.68 15.35 10.58
N SER B 80 1.18 15.37 11.83
CA SER B 80 0.46 14.77 12.95
C SER B 80 -0.15 15.77 13.89
N THR B 81 0.35 17.01 13.91
CA THR B 81 0.01 17.99 14.92
C THR B 81 -0.64 19.26 14.40
N GLY B 82 -0.86 19.42 13.10
CA GLY B 82 -1.26 20.72 12.59
C GLY B 82 -2.54 21.26 13.22
N GLY B 83 -3.42 20.37 13.65
CA GLY B 83 -4.73 20.71 14.15
C GLY B 83 -4.85 20.88 15.63
N ILE B 84 -3.76 20.68 16.38
CA ILE B 84 -3.83 20.79 17.84
C ILE B 84 -4.29 22.18 18.26
N GLU B 85 -3.69 23.21 17.67
CA GLU B 85 -4.07 24.57 18.05
C GLU B 85 -5.58 24.72 18.01
N TRP B 86 -6.19 24.36 16.88
CA TRP B 86 -7.63 24.49 16.72
C TRP B 86 -8.39 23.62 17.72
N LEU B 87 -7.92 22.40 17.94
CA LEU B 87 -8.63 21.54 18.86
C LEU B 87 -8.60 22.14 20.25
N ASN B 88 -7.42 22.57 20.70
CA ASN B 88 -7.31 23.24 21.98
C ASN B 88 -8.26 24.43 22.05
N SER B 89 -8.41 25.15 20.94
CA SER B 89 -9.26 26.32 20.98
C SER B 89 -10.74 25.97 21.16
N ARG B 90 -11.15 24.75 20.81
CA ARG B 90 -12.52 24.31 21.06
C ARG B 90 -12.61 23.39 22.26
N SER B 91 -11.59 23.41 23.12
CA SER B 91 -11.55 22.60 24.32
C SER B 91 -11.81 21.14 24.01
N ILE B 92 -11.24 20.68 22.90
CA ILE B 92 -11.19 19.26 22.58
C ILE B 92 -9.88 18.71 23.15
N PRO B 93 -9.91 17.77 24.06
CA PRO B 93 -8.68 17.30 24.70
C PRO B 93 -7.70 16.71 23.69
N THR B 94 -6.46 17.19 23.75
CA THR B 94 -5.37 16.73 22.91
C THR B 94 -4.29 16.04 23.74
N TYR B 95 -3.60 15.11 23.11
CA TYR B 95 -2.68 14.22 23.79
C TYR B 95 -1.44 14.03 22.94
N ALA B 96 -0.30 13.98 23.61
CA ALA B 96 0.98 13.74 22.97
C ALA B 96 2.00 13.38 24.04
N SER B 97 3.05 12.70 23.64
CA SER B 97 4.04 12.31 24.63
C SER B 97 4.80 13.53 25.15
N GLU B 98 5.36 13.37 26.34
CA GLU B 98 6.20 14.41 26.92
C GLU B 98 7.27 14.83 25.95
N LEU B 99 7.84 13.87 25.24
CA LEU B 99 8.90 14.22 24.33
C LEU B 99 8.38 14.97 23.10
N THR B 100 7.20 14.58 22.64
CA THR B 100 6.60 15.29 21.53
C THR B 100 6.27 16.72 21.93
N ASN B 101 5.62 16.89 23.07
CA ASN B 101 5.28 18.25 23.51
C ASN B 101 6.54 19.10 23.65
N GLU B 102 7.59 18.55 24.24
CA GLU B 102 8.83 19.29 24.29
C GLU B 102 9.32 19.67 22.90
N LEU B 103 9.21 18.75 21.94
CA LEU B 103 9.71 19.10 20.62
C LEU B 103 8.83 20.16 19.96
N LEU B 104 7.52 20.12 20.23
CA LEU B 104 6.63 21.19 19.76
C LEU B 104 7.02 22.53 20.36
N LYS B 105 7.28 22.54 21.68
CA LYS B 105 7.65 23.78 22.39
C LYS B 105 8.85 24.41 21.74
N LYS B 106 9.91 23.62 21.57
CA LYS B 106 11.13 24.11 20.98
C LYS B 106 10.92 24.62 19.57
N ASP B 107 9.85 24.17 18.92
CA ASP B 107 9.57 24.50 17.54
C ASP B 107 8.61 25.67 17.40
N GLY B 108 8.23 26.32 18.49
CA GLY B 108 7.26 27.41 18.39
C GLY B 108 5.87 26.97 17.99
N LYS B 109 5.47 25.77 18.40
CA LYS B 109 4.18 25.22 18.00
C LYS B 109 3.36 24.98 19.24
N VAL B 110 2.05 25.01 19.06
CA VAL B 110 1.13 24.77 20.16
C VAL B 110 1.24 23.33 20.65
N GLN B 111 1.29 23.15 21.96
CA GLN B 111 1.46 21.85 22.58
C GLN B 111 0.10 21.19 22.86
N ALA B 112 0.10 19.86 22.85
CA ALA B 112 -1.08 19.13 23.30
C ALA B 112 -1.32 19.41 24.77
N THR B 113 -2.59 19.39 25.17
CA THR B 113 -2.96 19.78 26.52
C THR B 113 -2.70 18.68 27.54
N ASN B 114 -2.74 17.42 27.11
CA ASN B 114 -2.50 16.29 27.99
C ASN B 114 -1.25 15.57 27.54
N SER B 115 -0.33 15.33 28.47
CA SER B 115 0.88 14.60 28.15
C SER B 115 0.83 13.25 28.81
N PHE B 116 1.69 12.37 28.34
CA PHE B 116 1.84 11.05 28.90
C PHE B 116 3.29 10.69 28.71
N SER B 117 3.80 9.90 29.64
CA SER B 117 5.14 9.37 29.52
C SER B 117 5.02 7.86 29.67
N GLY B 118 6.09 7.17 29.31
CA GLY B 118 6.14 5.76 29.54
C GLY B 118 5.88 4.99 28.27
N VAL B 119 6.66 3.93 28.09
CA VAL B 119 6.69 3.15 26.87
C VAL B 119 5.30 2.73 26.42
N ASN B 120 4.43 2.40 27.37
CA ASN B 120 3.07 1.97 27.09
C ASN B 120 2.10 2.89 27.81
N TYR B 121 1.13 3.42 27.08
CA TYR B 121 0.12 4.29 27.63
C TYR B 121 -1.21 3.90 27.01
N TRP B 122 -2.23 3.68 27.85
CA TRP B 122 -3.59 3.51 27.38
C TRP B 122 -4.25 4.86 27.26
N LEU B 123 -4.61 5.24 26.05
CA LEU B 123 -5.51 6.37 25.89
C LEU B 123 -6.95 5.97 26.20
N VAL B 124 -7.33 4.72 25.91
CA VAL B 124 -8.66 4.22 26.26
C VAL B 124 -8.48 2.74 26.56
N LYS B 125 -8.68 2.37 27.82
CA LYS B 125 -8.25 1.08 28.33
C LYS B 125 -8.89 -0.05 27.54
N ASN B 126 -8.05 -1.00 27.10
CA ASN B 126 -8.41 -2.10 26.21
C ASN B 126 -8.76 -1.73 24.76
N LYS B 127 -8.66 -0.49 24.38
CA LYS B 127 -9.13 -0.14 23.05
C LYS B 127 -8.11 0.63 22.22
N ILE B 128 -7.34 1.52 22.85
CA ILE B 128 -6.42 2.38 22.15
C ILE B 128 -5.17 2.46 23.01
N GLU B 129 -4.10 1.81 22.58
CA GLU B 129 -2.85 1.81 23.27
C GLU B 129 -1.80 2.55 22.46
N VAL B 130 -0.88 3.23 23.14
CA VAL B 130 0.22 3.96 22.53
C VAL B 130 1.50 3.27 22.96
N PHE B 131 2.39 3.01 22.00
CA PHE B 131 3.64 2.37 22.32
C PHE B 131 4.80 3.19 21.73
N TYR B 132 5.86 3.33 22.51
CA TYR B 132 7.06 4.03 22.08
C TYR B 132 8.13 3.01 21.72
N PRO B 133 8.44 2.81 20.44
CA PRO B 133 9.39 1.77 20.07
C PRO B 133 10.82 2.23 20.11
N GLY B 134 11.04 3.52 20.36
CA GLY B 134 12.33 4.15 20.27
C GLY B 134 12.41 5.16 19.14
N PRO B 135 13.49 5.93 19.11
CA PRO B 135 13.65 6.94 18.05
C PRO B 135 13.72 6.29 16.69
N GLY B 136 13.30 7.04 15.69
CA GLY B 136 13.44 6.56 14.34
C GLY B 136 13.24 7.67 13.33
N HIS B 137 12.02 7.81 12.84
CA HIS B 137 11.70 8.89 11.93
C HIS B 137 11.89 10.22 12.64
N THR B 138 11.54 10.27 13.93
CA THR B 138 11.79 11.40 14.83
C THR B 138 12.14 10.84 16.21
N PRO B 139 12.57 11.70 17.15
CA PRO B 139 12.96 11.19 18.46
C PRO B 139 11.81 10.70 19.26
N ASP B 140 10.66 11.29 19.01
CA ASP B 140 9.50 11.00 19.76
C ASP B 140 8.46 10.12 19.17
N ASN B 141 8.69 9.60 18.00
CA ASN B 141 7.65 8.80 17.35
C ASN B 141 7.03 7.66 18.14
N VAL B 142 5.72 7.64 18.23
CA VAL B 142 4.98 6.55 18.86
C VAL B 142 4.03 5.96 17.83
N VAL B 143 3.50 4.77 18.17
CA VAL B 143 2.50 4.09 17.35
C VAL B 143 1.27 3.82 18.19
N VAL B 144 0.13 3.66 17.53
CA VAL B 144 -1.13 3.44 18.22
C VAL B 144 -1.70 2.09 17.81
N TRP B 145 -2.05 1.30 18.81
CA TRP B 145 -2.49 -0.07 18.64
C TRP B 145 -3.93 -0.17 19.10
N LEU B 146 -4.74 -0.89 18.33
CA LEU B 146 -6.16 -1.10 18.58
C LEU B 146 -6.28 -2.61 18.80
N PRO B 147 -6.13 -3.12 20.02
CA PRO B 147 -6.10 -4.59 20.21
C PRO B 147 -7.36 -5.29 19.71
N GLU B 148 -8.50 -4.64 19.75
CA GLU B 148 -9.73 -5.32 19.38
C GLU B 148 -9.82 -5.59 17.90
N ARG B 149 -9.12 -4.83 17.06
CA ARG B 149 -9.11 -5.06 15.63
C ARG B 149 -7.76 -5.53 15.12
N LYS B 150 -6.73 -5.53 15.97
CA LYS B 150 -5.37 -5.86 15.60
C LYS B 150 -4.85 -4.93 14.49
N ILE B 151 -5.12 -3.65 14.65
CA ILE B 151 -4.74 -2.61 13.72
C ILE B 151 -3.66 -1.79 14.39
N LEU B 152 -2.50 -1.67 13.75
CA LEU B 152 -1.41 -0.84 14.25
C LEU B 152 -1.32 0.41 13.39
N PHE B 153 -1.44 1.58 14.00
CA PHE B 153 -1.18 2.83 13.28
C PHE B 153 0.28 3.16 13.47
N GLY B 154 1.03 3.17 12.38
CA GLY B 154 2.48 3.32 12.47
C GLY B 154 3.01 4.73 12.23
N GLY B 155 2.20 5.60 11.65
CA GLY B 155 2.63 7.00 11.51
C GLY B 155 3.81 7.13 10.56
N CYS B 156 4.64 8.13 10.82
CA CYS B 156 5.76 8.35 9.90
C CYS B 156 6.95 7.45 10.24
N PHE B 157 6.75 6.51 11.16
CA PHE B 157 7.74 5.50 11.49
C PHE B 157 7.70 4.35 10.51
N ILE B 158 6.53 4.02 9.97
CA ILE B 158 6.41 2.93 9.02
C ILE B 158 6.68 3.43 7.61
N LYS B 159 7.80 2.99 7.04
CA LYS B 159 8.32 3.52 5.78
C LYS B 159 8.83 2.36 4.93
N PRO B 160 7.93 1.63 4.27
CA PRO B 160 8.36 0.38 3.62
C PRO B 160 9.14 0.56 2.34
N TYR B 161 9.08 1.74 1.73
CA TYR B 161 9.60 1.94 0.38
C TYR B 161 10.51 3.17 0.33
N GLY B 162 11.25 3.41 1.40
CA GLY B 162 12.06 4.61 1.54
C GLY B 162 11.70 5.38 2.80
N LEU B 163 12.72 5.88 3.50
CA LEU B 163 12.55 6.37 4.87
C LEU B 163 11.98 7.77 4.93
N GLY B 164 11.99 8.51 3.83
CA GLY B 164 11.33 9.79 3.79
C GLY B 164 12.22 10.91 4.32
N ASN B 165 11.58 11.87 4.97
CA ASN B 165 12.29 13.06 5.43
C ASN B 165 13.16 12.71 6.61
N LEU B 166 14.48 12.85 6.46
CA LEU B 166 15.43 12.48 7.49
C LEU B 166 15.86 13.64 8.38
N GLY B 167 15.27 14.83 8.22
CA GLY B 167 15.80 15.99 8.93
C GLY B 167 15.83 15.76 10.43
N ASP B 168 14.81 15.10 10.96
CA ASP B 168 14.69 14.86 12.38
C ASP B 168 14.89 13.38 12.74
N ALA B 169 15.45 12.60 11.82
CA ALA B 169 15.54 11.16 12.07
C ALA B 169 16.79 10.80 12.86
N ASN B 170 16.73 9.63 13.47
CA ASN B 170 17.81 9.04 14.25
C ASN B 170 18.13 7.73 13.57
N ILE B 171 18.95 7.79 12.52
CA ILE B 171 19.12 6.59 11.74
C ILE B 171 19.94 5.54 12.49
N GLU B 172 20.63 5.91 13.56
CA GLU B 172 21.37 4.91 14.32
C GLU B 172 20.40 4.08 15.16
N ALA B 173 19.37 4.71 15.72
CA ALA B 173 18.44 3.97 16.56
C ALA B 173 17.31 3.30 15.79
N TRP B 174 16.96 3.77 14.59
CA TRP B 174 15.80 3.25 13.86
C TRP B 174 15.83 1.74 13.66
N PRO B 175 16.92 1.10 13.20
CA PRO B 175 16.90 -0.37 13.11
C PRO B 175 16.46 -1.03 14.39
N LYS B 176 17.05 -0.64 15.53
CA LYS B 176 16.70 -1.27 16.81
C LYS B 176 15.24 -1.01 17.19
N SER B 177 14.77 0.23 17.02
CA SER B 177 13.36 0.52 17.26
C SER B 177 12.45 -0.32 16.35
N ALA B 178 12.80 -0.43 15.06
CA ALA B 178 11.99 -1.18 14.11
C ALA B 178 11.96 -2.65 14.46
N LYS B 179 13.10 -3.23 14.83
CA LYS B 179 13.12 -4.61 15.32
C LYS B 179 12.20 -4.77 16.52
N LEU B 180 12.27 -3.85 17.46
CA LEU B 180 11.39 -3.94 18.61
C LEU B 180 9.92 -3.87 18.18
N LEU B 181 9.58 -2.93 17.30
CA LEU B 181 8.18 -2.87 16.84
C LEU B 181 7.75 -4.17 16.15
N LYS B 182 8.63 -4.72 15.30
CA LYS B 182 8.27 -5.94 14.59
C LYS B 182 8.00 -7.09 15.55
N SER B 183 8.84 -7.23 16.58
CA SER B 183 8.60 -8.31 17.52
C SER B 183 7.34 -8.07 18.30
N LYS B 184 7.04 -6.81 18.63
CA LYS B 184 5.86 -6.58 19.45
C LYS B 184 4.57 -6.81 18.69
N TYR B 185 4.52 -6.46 17.39
CA TYR B 185 3.26 -6.42 16.65
C TYR B 185 3.24 -7.34 15.45
N GLY B 186 4.08 -8.38 15.44
CA GLY B 186 4.05 -9.37 14.37
C GLY B 186 2.68 -9.95 14.11
N LYS B 187 1.78 -9.91 15.10
CA LYS B 187 0.42 -10.40 14.98
C LYS B 187 -0.58 -9.34 14.48
N ALA B 188 -0.11 -8.19 14.02
CA ALA B 188 -1.00 -7.17 13.50
C ALA B 188 -1.71 -7.68 12.25
N LYS B 189 -3.01 -7.47 12.21
CA LYS B 189 -3.74 -7.80 11.01
C LYS B 189 -3.56 -6.70 9.97
N LEU B 190 -3.57 -5.43 10.39
CA LEU B 190 -3.41 -4.29 9.49
C LEU B 190 -2.41 -3.32 10.09
N VAL B 191 -1.58 -2.76 9.22
CA VAL B 191 -0.58 -1.77 9.57
C VAL B 191 -0.81 -0.57 8.67
N VAL B 192 -1.06 0.59 9.28
CA VAL B 192 -1.41 1.83 8.59
C VAL B 192 -0.22 2.76 8.60
N PRO B 193 0.50 2.94 7.51
CA PRO B 193 1.56 3.95 7.47
C PRO B 193 0.99 5.36 7.28
N SER B 194 1.80 6.37 7.59
CA SER B 194 1.38 7.75 7.34
C SER B 194 1.21 8.04 5.85
N HIS B 195 2.11 7.50 5.02
CA HIS B 195 2.31 8.04 3.69
C HIS B 195 2.22 7.01 2.58
N SER B 196 1.85 5.79 2.90
CA SER B 196 1.64 4.81 1.87
C SER B 196 0.46 3.99 2.32
N GLU B 197 0.00 3.09 1.45
CA GLU B 197 -1.25 2.40 1.71
C GLU B 197 -1.13 1.36 2.83
N VAL B 198 -2.28 1.03 3.39
CA VAL B 198 -2.44 -0.04 4.37
C VAL B 198 -1.92 -1.39 3.81
N GLY B 199 -1.33 -2.18 4.70
CA GLY B 199 -0.88 -3.53 4.42
C GLY B 199 -0.97 -4.35 5.69
N ASP B 200 -0.25 -5.46 5.77
CA ASP B 200 -0.31 -6.24 7.00
C ASP B 200 1.05 -6.19 7.71
N ALA B 201 1.30 -7.18 8.57
CA ALA B 201 2.50 -7.12 9.41
C ALA B 201 3.76 -7.08 8.59
N SER B 202 3.71 -7.45 7.30
CA SER B 202 4.94 -7.42 6.53
C SER B 202 5.51 -6.02 6.42
N LEU B 203 4.69 -4.97 6.59
CA LEU B 203 5.24 -3.62 6.54
C LEU B 203 6.22 -3.35 7.68
N LEU B 204 6.08 -4.04 8.80
CA LEU B 204 7.08 -3.94 9.87
C LEU B 204 8.42 -4.49 9.42
N LYS B 205 8.40 -5.62 8.69
CA LYS B 205 9.62 -6.16 8.12
C LYS B 205 10.22 -5.18 7.11
N LEU B 206 9.41 -4.68 6.19
CA LEU B 206 9.94 -3.76 5.19
C LEU B 206 10.49 -2.50 5.85
N THR B 207 9.82 -2.02 6.92
CA THR B 207 10.36 -0.88 7.64
C THR B 207 11.69 -1.24 8.31
N LEU B 208 11.78 -2.42 8.92
CA LEU B 208 13.07 -2.83 9.49
C LEU B 208 14.17 -2.83 8.42
N GLU B 209 13.86 -3.32 7.22
CA GLU B 209 14.87 -3.42 6.16
C GLU B 209 15.28 -2.06 5.66
N GLN B 210 14.33 -1.15 5.52
CA GLN B 210 14.68 0.18 5.08
C GLN B 210 15.53 0.89 6.13
N ALA B 211 15.31 0.60 7.41
CA ALA B 211 16.10 1.26 8.43
C ALA B 211 17.54 0.74 8.42
N VAL B 212 17.72 -0.58 8.36
CA VAL B 212 19.06 -1.13 8.27
C VAL B 212 19.80 -0.56 7.06
N LYS B 213 19.11 -0.51 5.92
CA LYS B 213 19.75 0.00 4.71
C LYS B 213 20.15 1.46 4.88
N GLY B 214 19.26 2.28 5.39
CA GLY B 214 19.61 3.68 5.59
C GLY B 214 20.79 3.85 6.51
N LEU B 215 20.84 3.05 7.57
CA LEU B 215 21.98 3.11 8.49
C LEU B 215 23.29 2.75 7.78
N ASN B 216 23.30 1.61 7.08
CA ASN B 216 24.45 1.27 6.25
C ASN B 216 24.79 2.39 5.27
N GLU B 217 23.81 2.82 4.48
CA GLU B 217 24.02 3.84 3.45
C GLU B 217 24.75 5.07 4.01
N SER B 218 24.66 5.33 5.31
CA SER B 218 25.26 6.50 5.91
C SER B 218 26.70 6.27 6.37
N LYS B 219 27.46 5.43 5.67
CA LYS B 219 28.86 5.21 6.02
C LYS B 219 29.73 4.98 4.77
#